data_7IEQ
#
_entry.id   7IEQ
#
_cell.length_a   45.280
_cell.length_b   73.080
_cell.length_c   52.610
_cell.angle_alpha   90.00
_cell.angle_beta   109.57
_cell.angle_gamma   90.00
#
_symmetry.space_group_name_H-M   'P 1 21 1'
#
loop_
_entity.id
_entity.type
_entity.pdbx_description
1 polymer Endothiapepsin
2 non-polymer 1-{4-[(R)-methanesulfinyl]phenyl}methanamine
3 non-polymer GLYCEROL
4 non-polymer 'DIMETHYL SULFOXIDE'
5 water water
#
_entity_poly.entity_id   1
_entity_poly.type   'polypeptide(L)'
_entity_poly.pdbx_seq_one_letter_code
;STGSATTTPIDSLDDAYITPVQIGTPAQTLNLDFDTGSSDLWVFSSETTASEVDGQTIYTPSKSTTAKLLSGATWSISYG
DGSSSSGDVYTDTVSVGGLTVTGQAVESAKKVSSSFTEDSTIDGLLGLAFSTLNTVSPTQQKTFFDNAKASLDSPVFTAD
LGYHAPGTYNFGFIDTTAYTGSITYTAVSTKQGFWEWTSTGYAVGSGTFKSTSIDGIADTGTTLLYLPATVVSAYWAQVS
GAKSSSSVGGYVFPCSATLPSFTFGVGSARIVIPGDYIDFGPISTGSSSCFGGIQSSAGIGINIFGDVALKAAFVVFNGA
TTPTLGFASK
;
_entity_poly.pdbx_strand_id   A
#
loop_
_chem_comp.id
_chem_comp.type
_chem_comp.name
_chem_comp.formula
A1CFC non-polymer 1-{4-[(R)-methanesulfinyl]phenyl}methanamine 'C8 H11 N O S'
DMS non-polymer 'DIMETHYL SULFOXIDE' 'C2 H6 O S'
GOL non-polymer GLYCEROL 'C3 H8 O3'
#
# COMPACT_ATOMS: atom_id res chain seq x y z
N SER A 1 -18.72 10.23 11.77
CA SER A 1 -17.50 11.04 11.48
C SER A 1 -16.90 10.63 10.16
N THR A 2 -16.01 11.47 9.63
CA THR A 2 -15.21 11.16 8.46
C THR A 2 -13.82 11.75 8.63
N GLY A 3 -12.90 11.31 7.78
CA GLY A 3 -11.61 11.96 7.63
C GLY A 3 -11.19 11.96 6.17
N SER A 4 -10.30 12.90 5.82
CA SER A 4 -9.81 13.02 4.46
C SER A 4 -8.40 13.59 4.51
N ALA A 5 -7.43 12.86 3.96
CA ALA A 5 -6.04 13.28 3.99
C ALA A 5 -5.42 13.08 2.63
N THR A 6 -4.55 14.02 2.24
CA THR A 6 -3.80 13.90 1.00
C THR A 6 -2.62 12.98 1.20
N THR A 7 -2.37 12.14 0.21
CA THR A 7 -1.22 11.24 0.17
C THR A 7 -0.33 11.63 -0.99
N THR A 8 0.99 11.64 -0.76
CA THR A 8 1.93 12.27 -1.67
C THR A 8 3.03 11.27 -2.03
N PRO A 9 3.38 11.11 -3.30
CA PRO A 9 4.52 10.23 -3.63
C PRO A 9 5.80 10.71 -2.98
N ILE A 10 6.63 9.77 -2.54
CA ILE A 10 7.87 10.12 -1.87
C ILE A 10 8.97 10.54 -2.84
N ASP A 11 8.82 10.24 -4.12
CA ASP A 11 9.86 10.50 -5.10
C ASP A 11 9.21 10.53 -6.48
N SER A 12 10.04 10.77 -7.50
CA SER A 12 9.55 10.98 -8.86
C SER A 12 9.04 9.70 -9.52
N LEU A 13 9.25 8.54 -8.90
CA LEU A 13 8.83 7.26 -9.42
C LEU A 13 7.58 6.71 -8.75
N ASP A 14 7.03 7.42 -7.76
CA ASP A 14 5.93 6.89 -6.97
C ASP A 14 6.34 5.60 -6.25
N ASP A 15 7.55 5.58 -5.67
CA ASP A 15 7.99 4.34 -5.01
C ASP A 15 7.14 4.01 -3.80
N ALA A 16 6.56 5.03 -3.16
CA ALA A 16 5.64 4.85 -2.06
C ALA A 16 4.94 6.18 -1.89
N TYR A 17 3.95 6.20 -1.01
CA TYR A 17 3.14 7.39 -0.75
C TYR A 17 3.12 7.63 0.75
N ILE A 18 3.21 8.89 1.16
CA ILE A 18 3.17 9.28 2.56
C ILE A 18 2.00 10.19 2.84
N THR A 19 1.41 10.01 4.02
CA THR A 19 0.22 10.72 4.45
C THR A 19 0.48 11.29 5.84
N PRO A 20 0.20 12.56 6.08
CA PRO A 20 0.46 13.13 7.42
C PRO A 20 -0.55 12.62 8.43
N VAL A 21 -0.04 12.29 9.61
CA VAL A 21 -0.80 11.73 10.71
C VAL A 21 -0.42 12.47 11.99
N GLN A 22 -1.42 12.90 12.74
CA GLN A 22 -1.20 13.60 14.00
C GLN A 22 -1.24 12.60 15.14
N ILE A 23 -0.18 12.58 15.96
CA ILE A 23 -0.07 11.64 17.08
C ILE A 23 0.21 12.44 18.35
N GLY A 24 -0.59 12.20 19.39
CA GLY A 24 -0.27 12.76 20.69
C GLY A 24 -0.85 14.14 20.93
N THR A 25 -0.56 14.66 22.12
CA THR A 25 -1.06 15.95 22.58
C THR A 25 0.07 16.71 23.25
N PRO A 26 0.48 17.88 22.75
CA PRO A 26 0.08 18.48 21.46
C PRO A 26 0.46 17.56 20.31
N ALA A 27 -0.13 17.78 19.14
CA ALA A 27 0.08 16.89 18.02
C ALA A 27 1.54 16.86 17.60
N GLN A 28 2.01 15.66 17.29
CA GLN A 28 3.26 15.44 16.57
C GLN A 28 2.87 14.87 15.22
N THR A 29 3.21 15.55 14.14
CA THR A 29 2.81 15.13 12.81
C THR A 29 3.94 14.32 12.19
N LEU A 30 3.63 13.07 11.84
CA LEU A 30 4.55 12.17 11.17
C LEU A 30 3.95 11.78 9.84
N ASN A 31 4.80 11.56 8.83
CA ASN A 31 4.34 11.17 7.50
C ASN A 31 4.47 9.65 7.39
N LEU A 32 3.32 8.97 7.36
CA LEU A 32 3.28 7.52 7.42
C LEU A 32 2.89 6.94 6.08
N ASP A 33 3.38 5.73 5.84
CA ASP A 33 3.05 4.94 4.66
C ASP A 33 1.82 4.08 4.98
N PHE A 34 0.66 4.48 4.44
CA PHE A 34 -0.58 3.75 4.65
C PHE A 34 -0.52 2.44 3.86
N ASP A 35 -0.66 1.33 4.56
CA ASP A 35 -0.31 0.01 4.02
C ASP A 35 -1.48 -0.96 4.21
N THR A 36 -2.28 -1.16 3.15
CA THR A 36 -3.38 -2.12 3.24
C THR A 36 -2.93 -3.58 3.22
N GLY A 37 -1.63 -3.85 3.18
CA GLY A 37 -1.07 -5.17 3.30
C GLY A 37 -0.50 -5.54 4.65
N SER A 38 -0.59 -4.66 5.66
CA SER A 38 -0.15 -5.00 7.02
C SER A 38 -1.04 -4.30 8.02
N SER A 39 -0.82 -4.57 9.31
CA SER A 39 -1.81 -4.22 10.32
C SER A 39 -1.19 -3.61 11.57
N ASP A 40 0.01 -3.07 11.46
CA ASP A 40 0.70 -2.40 12.55
C ASP A 40 0.86 -0.93 12.21
N LEU A 41 0.58 -0.07 13.18
CA LEU A 41 0.89 1.36 13.09
C LEU A 41 2.15 1.54 13.90
N TRP A 42 3.28 1.70 13.22
CA TRP A 42 4.55 1.87 13.91
C TRP A 42 5.26 3.12 13.42
N VAL A 43 6.06 3.70 14.30
CA VAL A 43 6.71 4.97 14.04
C VAL A 43 8.17 4.95 14.49
N PHE A 44 8.99 5.69 13.73
CA PHE A 44 10.27 6.14 14.27
C PHE A 44 10.00 6.95 15.54
N SER A 45 10.89 6.83 16.52
CA SER A 45 10.61 7.44 17.81
C SER A 45 11.90 7.83 18.52
N SER A 46 11.72 8.48 19.67
CA SER A 46 12.83 8.78 20.57
C SER A 46 13.48 7.53 21.11
N GLU A 47 12.87 6.36 20.95
CA GLU A 47 13.44 5.09 21.38
C GLU A 47 14.20 4.39 20.27
N THR A 48 14.12 4.86 19.03
CA THR A 48 14.77 4.18 17.93
C THR A 48 16.28 4.34 18.04
N THR A 49 17.01 3.21 17.93
CA THR A 49 18.46 3.22 17.91
C THR A 49 18.97 4.38 17.07
N ALA A 50 19.82 5.23 17.67
CA ALA A 50 20.18 6.49 17.04
C ALA A 50 20.82 6.27 15.66
N SER A 51 21.69 5.28 15.54
CA SER A 51 22.36 5.04 14.28
C SER A 51 21.41 4.57 13.17
N GLU A 52 20.18 4.22 13.52
CA GLU A 52 19.20 3.76 12.56
C GLU A 52 18.20 4.84 12.17
N VAL A 53 18.37 6.06 12.66
CA VAL A 53 17.56 7.21 12.28
C VAL A 53 18.42 8.11 11.41
N ASP A 54 17.91 8.47 10.23
CA ASP A 54 18.64 9.31 9.28
C ASP A 54 17.64 10.22 8.58
N GLY A 55 17.19 11.25 9.29
CA GLY A 55 16.35 12.27 8.70
C GLY A 55 14.86 12.14 8.96
N GLN A 56 14.41 11.00 9.48
CA GLN A 56 12.99 10.84 9.77
C GLN A 56 12.55 11.74 10.92
N THR A 57 11.28 12.11 10.91
CA THR A 57 10.66 12.75 12.05
C THR A 57 10.26 11.68 13.04
N ILE A 58 10.53 11.93 14.32
CA ILE A 58 10.31 10.94 15.37
C ILE A 58 9.15 11.35 16.26
N TYR A 59 8.46 10.32 16.76
CA TYR A 59 7.48 10.46 17.82
C TYR A 59 8.19 10.36 19.16
N THR A 60 7.95 11.33 20.04
CA THR A 60 8.51 11.34 21.39
C THR A 60 7.36 11.19 22.38
N PRO A 61 7.07 9.98 22.87
CA PRO A 61 5.92 9.84 23.76
C PRO A 61 6.01 10.65 25.04
N SER A 62 7.21 10.90 25.55
CA SER A 62 7.33 11.65 26.80
C SER A 62 6.84 13.08 26.66
N LYS A 63 6.70 13.59 25.44
CA LYS A 63 6.20 14.94 25.19
C LYS A 63 4.71 14.97 24.91
N SER A 64 4.03 13.83 24.96
CA SER A 64 2.60 13.75 24.71
C SER A 64 1.88 13.49 26.03
N THR A 65 1.00 14.40 26.42
CA THR A 65 0.28 14.26 27.68
C THR A 65 -0.75 13.15 27.64
N THR A 66 -1.07 12.63 26.46
CA THR A 66 -2.05 11.55 26.32
C THR A 66 -1.41 10.20 26.05
N ALA A 67 -0.07 10.13 25.92
CA ALA A 67 0.60 8.86 25.72
C ALA A 67 0.64 8.04 27.01
N LYS A 68 0.45 6.73 26.88
CA LYS A 68 0.56 5.82 28.01
C LYS A 68 1.27 4.57 27.54
N LEU A 69 2.30 4.15 28.25
CA LEU A 69 2.94 2.88 27.90
C LEU A 69 1.92 1.77 28.00
N LEU A 70 1.90 0.90 27.01
CA LEU A 70 1.08 -0.32 27.06
C LEU A 70 1.96 -1.38 27.69
N SER A 71 1.80 -1.56 29.00
CA SER A 71 2.80 -2.28 29.77
C SER A 71 2.95 -3.72 29.30
N GLY A 72 4.20 -4.11 29.05
CA GLY A 72 4.53 -5.46 28.67
C GLY A 72 4.40 -5.77 27.20
N ALA A 73 3.84 -4.87 26.40
CA ALA A 73 3.57 -5.13 25.01
C ALA A 73 4.80 -4.88 24.14
N THR A 74 5.10 -5.81 23.25
CA THR A 74 6.16 -5.65 22.26
C THR A 74 5.60 -5.99 20.89
N TRP A 75 6.37 -5.64 19.86
CA TRP A 75 5.96 -5.94 18.50
C TRP A 75 7.21 -6.20 17.67
N SER A 76 7.02 -6.94 16.58
CA SER A 76 8.12 -7.28 15.70
C SER A 76 7.50 -7.73 14.40
N ILE A 77 7.91 -7.11 13.29
CA ILE A 77 7.30 -7.37 12.00
C ILE A 77 8.39 -7.54 10.95
N SER A 78 8.14 -8.46 10.03
CA SER A 78 9.01 -8.69 8.87
C SER A 78 8.13 -8.61 7.64
N TYR A 79 8.50 -7.77 6.69
CA TYR A 79 7.73 -7.56 5.49
C TYR A 79 8.25 -8.44 4.35
N GLY A 80 7.42 -8.59 3.33
CA GLY A 80 7.72 -9.51 2.23
C GLY A 80 8.99 -9.16 1.47
N ASP A 81 9.41 -7.90 1.50
CA ASP A 81 10.64 -7.47 0.84
C ASP A 81 11.89 -7.71 1.68
N GLY A 82 11.74 -8.22 2.89
CA GLY A 82 12.86 -8.42 3.78
C GLY A 82 13.11 -7.31 4.77
N SER A 83 12.34 -6.22 4.70
CA SER A 83 12.42 -5.13 5.66
C SER A 83 11.81 -5.57 6.99
N SER A 84 12.16 -4.87 8.07
CA SER A 84 11.66 -5.26 9.38
C SER A 84 11.79 -4.10 10.35
N SER A 85 11.07 -4.22 11.46
CA SER A 85 11.16 -3.28 12.56
C SER A 85 10.54 -3.93 13.80
N SER A 86 10.86 -3.39 14.97
CA SER A 86 10.37 -3.95 16.23
C SER A 86 10.50 -2.90 17.34
N GLY A 87 9.76 -3.12 18.42
CA GLY A 87 9.87 -2.24 19.57
C GLY A 87 8.82 -2.51 20.63
N ASP A 88 8.42 -1.43 21.31
CA ASP A 88 7.40 -1.48 22.37
C ASP A 88 6.21 -0.63 21.94
N VAL A 89 5.26 -0.42 22.84
CA VAL A 89 3.94 0.08 22.43
C VAL A 89 3.41 1.10 23.43
N TYR A 90 2.87 2.19 22.89
CA TYR A 90 2.12 3.19 23.64
C TYR A 90 0.71 3.22 23.09
N THR A 91 -0.23 3.67 23.90
CA THR A 91 -1.50 4.14 23.35
C THR A 91 -1.50 5.66 23.37
N ASP A 92 -2.13 6.24 22.36
CA ASP A 92 -2.18 7.71 22.25
C ASP A 92 -3.29 8.07 21.29
N THR A 93 -3.56 9.37 21.22
CA THR A 93 -4.56 9.89 20.29
C THR A 93 -3.95 10.05 18.92
N VAL A 94 -4.62 9.52 17.91
CA VAL A 94 -4.15 9.54 16.54
C VAL A 94 -5.25 10.12 15.66
N SER A 95 -4.90 11.10 14.84
CA SER A 95 -5.85 11.70 13.92
C SER A 95 -5.32 11.66 12.49
N VAL A 96 -6.21 11.35 11.57
CA VAL A 96 -5.92 11.33 10.15
C VAL A 96 -6.96 12.20 9.46
N GLY A 97 -6.51 13.30 8.86
CA GLY A 97 -7.42 14.11 8.06
C GLY A 97 -8.66 14.54 8.81
N GLY A 98 -8.54 14.84 10.10
CA GLY A 98 -9.66 15.28 10.90
C GLY A 98 -10.42 14.18 11.64
N LEU A 99 -10.13 12.91 11.39
CA LEU A 99 -10.75 11.78 12.08
C LEU A 99 -9.85 11.35 13.23
N THR A 100 -10.39 11.33 14.45
CA THR A 100 -9.60 11.08 15.65
C THR A 100 -9.98 9.76 16.30
N VAL A 101 -8.97 8.98 16.67
CA VAL A 101 -9.11 7.76 17.48
C VAL A 101 -8.35 7.99 18.76
N THR A 102 -9.01 7.83 19.90
CA THR A 102 -8.30 7.81 21.16
C THR A 102 -7.93 6.38 21.53
N GLY A 103 -6.82 6.23 22.26
CA GLY A 103 -6.38 4.92 22.69
C GLY A 103 -5.82 4.04 21.58
N GLN A 104 -5.38 4.62 20.47
CA GLN A 104 -4.78 3.83 19.40
C GLN A 104 -3.41 3.30 19.81
N ALA A 105 -3.16 2.03 19.50
CA ALA A 105 -1.82 1.48 19.71
C ALA A 105 -0.85 2.09 18.71
N VAL A 106 0.16 2.78 19.23
CA VAL A 106 1.23 3.39 18.47
C VAL A 106 2.48 2.59 18.81
N GLU A 107 3.01 1.86 17.84
CA GLU A 107 4.11 0.94 18.07
C GLU A 107 5.41 1.70 17.83
N SER A 108 6.18 1.89 18.89
CA SER A 108 7.39 2.69 18.88
C SER A 108 8.58 1.81 18.49
N ALA A 109 9.28 2.17 17.42
CA ALA A 109 10.37 1.34 16.96
C ALA A 109 11.59 1.55 17.85
N LYS A 110 12.15 0.45 18.34
CA LYS A 110 13.49 0.45 18.89
C LYS A 110 14.53 0.08 17.84
N LYS A 111 14.13 -0.72 16.86
CA LYS A 111 15.01 -1.16 15.78
C LYS A 111 14.24 -1.10 14.47
N VAL A 112 14.95 -0.70 13.42
CA VAL A 112 14.42 -0.75 12.06
C VAL A 112 15.51 -1.28 11.15
N SER A 113 15.11 -1.91 10.05
CA SER A 113 16.08 -2.41 9.10
C SER A 113 16.64 -1.27 8.24
N SER A 114 17.74 -1.57 7.56
CA SER A 114 18.46 -0.54 6.81
C SER A 114 17.58 0.11 5.75
N SER A 115 16.68 -0.66 5.13
N SER A 115 16.66 -0.64 5.14
CA SER A 115 15.80 -0.10 4.11
CA SER A 115 15.83 -0.05 4.09
C SER A 115 14.97 1.06 4.66
C SER A 115 14.89 1.02 4.62
N PHE A 116 14.52 0.95 5.91
CA PHE A 116 13.76 2.04 6.53
C PHE A 116 14.69 3.21 6.87
N THR A 117 15.83 2.93 7.49
CA THR A 117 16.78 4.00 7.80
C THR A 117 17.08 4.83 6.57
N GLU A 118 17.27 4.16 5.43
CA GLU A 118 17.71 4.79 4.20
C GLU A 118 16.60 5.58 3.51
N ASP A 119 15.36 5.45 3.94
CA ASP A 119 14.26 6.21 3.35
C ASP A 119 13.85 7.29 4.34
N SER A 120 14.46 8.47 4.19
CA SER A 120 14.24 9.56 5.13
C SER A 120 12.83 10.12 5.08
N THR A 121 12.07 9.82 4.03
CA THR A 121 10.74 10.39 3.86
C THR A 121 9.63 9.61 4.56
N ILE A 122 9.90 8.40 5.01
CA ILE A 122 8.89 7.54 5.62
C ILE A 122 9.15 7.49 7.13
N ASP A 123 8.24 8.08 7.91
CA ASP A 123 8.38 8.14 9.36
C ASP A 123 7.76 6.94 10.06
N GLY A 124 7.19 6.01 9.32
CA GLY A 124 6.53 4.84 9.86
C GLY A 124 5.46 4.36 8.91
N LEU A 125 4.73 3.34 9.36
CA LEU A 125 3.65 2.73 8.59
C LEU A 125 2.37 2.80 9.37
N LEU A 126 1.25 2.91 8.65
CA LEU A 126 -0.09 2.81 9.24
C LEU A 126 -0.80 1.67 8.53
N GLY A 127 -0.91 0.54 9.23
CA GLY A 127 -1.48 -0.65 8.63
C GLY A 127 -3.00 -0.58 8.53
N LEU A 128 -3.51 -1.08 7.40
CA LEU A 128 -4.93 -1.03 7.07
C LEU A 128 -5.45 -2.39 6.57
N ALA A 129 -4.67 -3.46 6.74
CA ALA A 129 -5.19 -4.80 6.57
C ALA A 129 -5.99 -5.20 7.81
N PHE A 130 -6.35 -6.47 7.94
CA PHE A 130 -7.22 -6.88 9.04
C PHE A 130 -6.41 -7.05 10.32
N SER A 131 -7.04 -6.73 11.45
CA SER A 131 -6.32 -6.69 12.72
C SER A 131 -5.79 -8.04 13.15
N THR A 132 -6.29 -9.14 12.57
CA THR A 132 -5.74 -10.45 12.86
C THR A 132 -4.25 -10.56 12.51
N LEU A 133 -3.72 -9.69 11.65
CA LEU A 133 -2.29 -9.70 11.33
C LEU A 133 -1.46 -8.85 12.28
N ASN A 134 -2.06 -8.09 13.19
CA ASN A 134 -1.27 -7.21 14.03
C ASN A 134 -0.29 -8.03 14.89
N THR A 135 0.95 -7.54 15.02
CA THR A 135 2.01 -8.32 15.65
C THR A 135 2.19 -8.06 17.14
N VAL A 136 1.40 -7.17 17.76
CA VAL A 136 1.64 -6.86 19.16
C VAL A 136 1.37 -8.08 20.01
N SER A 137 2.26 -8.33 20.96
CA SER A 137 2.22 -9.46 21.88
C SER A 137 2.41 -8.92 23.29
N PRO A 138 1.71 -9.47 24.29
CA PRO A 138 0.84 -10.65 24.25
C PRO A 138 -0.61 -10.35 23.90
N THR A 139 -0.96 -9.08 23.73
CA THR A 139 -2.34 -8.65 23.48
C THR A 139 -2.36 -7.98 22.13
N GLN A 140 -2.90 -8.66 21.12
CA GLN A 140 -2.99 -8.11 19.78
C GLN A 140 -3.82 -6.83 19.78
N GLN A 141 -3.40 -5.88 18.95
CA GLN A 141 -4.03 -4.57 18.90
C GLN A 141 -4.77 -4.36 17.57
N LYS A 142 -5.70 -3.40 17.60
CA LYS A 142 -6.52 -3.09 16.43
C LYS A 142 -5.91 -2.00 15.57
N THR A 143 -6.19 -2.07 14.28
CA THR A 143 -5.77 -1.01 13.36
C THR A 143 -6.56 0.27 13.62
N PHE A 144 -6.00 1.37 13.09
CA PHE A 144 -6.68 2.65 13.12
C PHE A 144 -8.09 2.55 12.53
N PHE A 145 -8.24 1.86 11.40
CA PHE A 145 -9.56 1.75 10.77
C PHE A 145 -10.50 0.92 11.64
N ASP A 146 -10.02 -0.18 12.19
CA ASP A 146 -10.85 -0.99 13.07
CA ASP A 146 -10.88 -0.98 13.06
C ASP A 146 -11.33 -0.18 14.27
N ASN A 147 -10.44 0.62 14.87
CA ASN A 147 -10.86 1.44 16.01
C ASN A 147 -11.83 2.53 15.59
N ALA A 148 -11.67 3.12 14.41
CA ALA A 148 -12.53 4.22 13.98
C ALA A 148 -13.87 3.75 13.45
N LYS A 149 -13.98 2.50 13.04
CA LYS A 149 -15.05 2.06 12.14
C LYS A 149 -16.43 2.37 12.70
N ALA A 150 -16.65 2.08 13.99
CA ALA A 150 -17.99 2.23 14.54
C ALA A 150 -18.45 3.69 14.50
N SER A 151 -17.50 4.64 14.56
CA SER A 151 -17.81 6.06 14.58
C SER A 151 -18.00 6.64 13.20
N LEU A 152 -17.54 5.94 12.16
CA LEU A 152 -17.59 6.47 10.81
C LEU A 152 -19.02 6.49 10.28
N ASP A 153 -19.29 7.44 9.38
CA ASP A 153 -20.61 7.52 8.77
C ASP A 153 -20.92 6.24 8.02
N SER A 154 -19.92 5.64 7.38
CA SER A 154 -20.04 4.39 6.66
C SER A 154 -18.73 3.64 6.93
N PRO A 155 -18.78 2.32 7.11
CA PRO A 155 -17.58 1.58 7.55
C PRO A 155 -16.62 1.25 6.41
N VAL A 156 -16.06 2.31 5.81
CA VAL A 156 -15.27 2.20 4.59
C VAL A 156 -14.09 3.16 4.67
N PHE A 157 -13.06 2.86 3.89
CA PHE A 157 -12.06 3.85 3.53
C PHE A 157 -11.76 3.67 2.05
N THR A 158 -11.27 4.75 1.42
CA THR A 158 -10.97 4.71 -0.01
C THR A 158 -9.55 5.17 -0.26
N ALA A 159 -8.93 4.55 -1.25
CA ALA A 159 -7.59 4.90 -1.71
C ALA A 159 -7.70 5.45 -3.12
N ASP A 160 -7.19 6.65 -3.32
CA ASP A 160 -7.20 7.33 -4.62
C ASP A 160 -5.77 7.82 -4.83
N LEU A 161 -4.89 6.91 -5.25
CA LEU A 161 -3.48 7.25 -5.41
C LEU A 161 -3.24 7.91 -6.75
N GLY A 162 -2.38 8.92 -6.77
CA GLY A 162 -2.05 9.61 -7.99
C GLY A 162 -0.88 9.02 -8.74
N TYR A 163 -0.85 9.24 -10.06
CA TYR A 163 0.32 8.93 -10.88
C TYR A 163 1.17 10.17 -10.94
N HIS A 164 2.35 10.11 -10.33
CA HIS A 164 3.27 11.23 -10.29
C HIS A 164 2.58 12.50 -9.78
N ALA A 165 1.70 12.32 -8.78
CA ALA A 165 0.90 13.42 -8.27
C ALA A 165 0.28 12.99 -6.96
N PRO A 166 -0.13 13.95 -6.12
CA PRO A 166 -0.82 13.59 -4.88
C PRO A 166 -2.18 12.99 -5.15
N GLY A 167 -2.69 12.30 -4.12
CA GLY A 167 -3.98 11.66 -4.13
C GLY A 167 -4.61 11.78 -2.76
N THR A 168 -5.56 10.91 -2.45
CA THR A 168 -6.37 11.06 -1.26
C THR A 168 -6.70 9.72 -0.62
N TYR A 169 -6.64 9.68 0.71
CA TYR A 169 -7.28 8.64 1.52
C TYR A 169 -8.47 9.27 2.24
N ASN A 170 -9.65 8.70 2.04
CA ASN A 170 -10.85 9.11 2.75
C ASN A 170 -11.32 8.00 3.67
N PHE A 171 -11.84 8.39 4.83
CA PHE A 171 -12.40 7.46 5.81
C PHE A 171 -13.85 7.82 6.08
N GLY A 172 -14.75 6.85 5.92
CA GLY A 172 -16.12 7.03 6.33
C GLY A 172 -17.08 7.50 5.26
N PHE A 173 -16.61 7.76 4.04
CA PHE A 173 -17.50 8.21 2.98
C PHE A 173 -16.87 7.94 1.63
N ILE A 174 -17.71 7.87 0.60
N ILE A 174 -17.74 7.83 0.63
CA ILE A 174 -17.27 7.66 -0.77
CA ILE A 174 -17.36 7.71 -0.78
C ILE A 174 -17.52 8.94 -1.55
C ILE A 174 -17.52 9.09 -1.40
N ASP A 175 -16.44 9.57 -2.02
CA ASP A 175 -16.50 10.84 -2.74
C ASP A 175 -16.92 10.52 -4.17
N THR A 176 -18.20 10.76 -4.47
CA THR A 176 -18.72 10.40 -5.79
C THR A 176 -18.20 11.30 -6.89
N THR A 177 -17.47 12.37 -6.58
CA THR A 177 -16.83 13.19 -7.60
C THR A 177 -15.44 12.69 -7.97
N ALA A 178 -14.91 11.68 -7.29
CA ALA A 178 -13.51 11.28 -7.45
C ALA A 178 -13.32 10.16 -8.46
N TYR A 179 -14.38 9.68 -9.10
CA TYR A 179 -14.26 8.58 -10.04
C TYR A 179 -15.26 8.79 -11.17
N THR A 180 -15.06 8.04 -12.24
CA THR A 180 -15.96 8.04 -13.38
C THR A 180 -16.75 6.74 -13.40
N GLY A 181 -17.90 6.78 -14.08
CA GLY A 181 -18.70 5.56 -14.18
C GLY A 181 -19.16 5.09 -12.82
N SER A 182 -19.28 3.78 -12.67
N SER A 182 -19.25 3.77 -12.67
CA SER A 182 -19.76 3.16 -11.44
CA SER A 182 -19.74 3.15 -11.44
C SER A 182 -18.65 2.37 -10.77
C SER A 182 -18.61 2.41 -10.74
N ILE A 183 -18.84 2.10 -9.47
CA ILE A 183 -17.91 1.27 -8.69
C ILE A 183 -18.38 -0.17 -8.81
N THR A 184 -17.47 -1.07 -9.21
CA THR A 184 -17.76 -2.50 -9.24
C THR A 184 -17.19 -3.15 -7.98
N TYR A 185 -18.08 -3.77 -7.21
CA TYR A 185 -17.66 -4.45 -5.99
C TYR A 185 -17.42 -5.94 -6.24
N THR A 186 -16.49 -6.49 -5.48
CA THR A 186 -16.05 -7.86 -5.64
C THR A 186 -15.75 -8.45 -4.27
N ALA A 187 -15.92 -9.77 -4.17
CA ALA A 187 -15.80 -10.43 -2.87
C ALA A 187 -14.37 -10.43 -2.34
N VAL A 188 -14.27 -10.46 -1.01
CA VAL A 188 -13.00 -10.47 -0.29
C VAL A 188 -12.96 -11.70 0.61
N SER A 189 -11.81 -12.36 0.65
CA SER A 189 -11.52 -13.36 1.67
C SER A 189 -10.58 -12.73 2.70
N THR A 190 -10.95 -12.83 3.97
CA THR A 190 -10.09 -12.35 5.04
C THR A 190 -9.27 -13.46 5.67
N LYS A 191 -9.27 -14.66 5.08
CA LYS A 191 -8.67 -15.82 5.73
C LYS A 191 -7.17 -15.67 5.96
N GLN A 192 -6.47 -14.90 5.13
CA GLN A 192 -5.05 -14.63 5.33
C GLN A 192 -4.80 -13.26 5.94
N GLY A 193 -5.85 -12.55 6.33
CA GLY A 193 -5.71 -11.23 6.93
C GLY A 193 -5.59 -10.08 5.96
N PHE A 194 -5.67 -10.34 4.66
CA PHE A 194 -5.48 -9.34 3.61
C PHE A 194 -6.82 -8.99 2.97
N TRP A 195 -6.80 -7.90 2.21
CA TRP A 195 -7.88 -7.55 1.29
C TRP A 195 -7.66 -8.38 0.02
N GLU A 196 -8.04 -9.66 0.12
CA GLU A 196 -7.75 -10.65 -0.90
C GLU A 196 -9.00 -10.87 -1.75
N TRP A 197 -8.82 -10.82 -3.07
CA TRP A 197 -9.92 -10.85 -4.02
C TRP A 197 -9.45 -11.62 -5.25
N THR A 198 -10.35 -11.81 -6.20
CA THR A 198 -10.05 -12.56 -7.42
C THR A 198 -10.38 -11.71 -8.64
N SER A 199 -9.34 -11.29 -9.36
CA SER A 199 -9.53 -10.62 -10.64
C SER A 199 -10.03 -11.63 -11.67
N THR A 200 -10.80 -11.13 -12.62
CA THR A 200 -11.42 -11.97 -13.63
C THR A 200 -10.59 -12.10 -14.91
N GLY A 201 -9.44 -11.42 -15.00
CA GLY A 201 -8.54 -11.67 -16.12
C GLY A 201 -7.75 -10.43 -16.48
N TYR A 202 -7.20 -10.46 -17.69
CA TYR A 202 -6.30 -9.39 -18.08
C TYR A 202 -6.24 -9.24 -19.60
N ALA A 203 -5.74 -8.08 -20.01
CA ALA A 203 -5.37 -7.85 -21.40
C ALA A 203 -4.06 -7.07 -21.43
N VAL A 204 -3.31 -7.25 -22.51
CA VAL A 204 -2.06 -6.53 -22.75
C VAL A 204 -2.30 -5.57 -23.91
N GLY A 205 -2.09 -4.28 -23.68
CA GLY A 205 -2.31 -3.29 -24.72
C GLY A 205 -3.70 -3.40 -25.28
N SER A 206 -3.78 -3.36 -26.61
CA SER A 206 -5.04 -3.46 -27.32
CA SER A 206 -5.04 -3.46 -27.33
C SER A 206 -5.45 -4.91 -27.59
N GLY A 207 -4.78 -5.86 -26.97
CA GLY A 207 -5.07 -7.26 -27.19
C GLY A 207 -6.39 -7.72 -26.58
N THR A 208 -6.76 -8.94 -26.93
CA THR A 208 -8.00 -9.51 -26.43
C THR A 208 -7.88 -9.83 -24.95
N PHE A 209 -9.01 -9.69 -24.25
CA PHE A 209 -9.05 -9.96 -22.82
C PHE A 209 -9.07 -11.47 -22.59
N LYS A 210 -8.20 -11.93 -21.70
CA LYS A 210 -8.10 -13.32 -21.29
C LYS A 210 -8.87 -13.47 -19.99
N SER A 211 -9.93 -14.28 -20.03
CA SER A 211 -10.72 -14.57 -18.84
C SER A 211 -10.02 -15.66 -18.04
N THR A 212 -9.58 -15.31 -16.84
CA THR A 212 -8.86 -16.24 -15.98
C THR A 212 -8.87 -15.66 -14.58
N SER A 213 -9.07 -16.51 -13.59
CA SER A 213 -9.14 -16.06 -12.21
C SER A 213 -7.74 -15.85 -11.64
N ILE A 214 -7.49 -14.66 -11.12
CA ILE A 214 -6.21 -14.31 -10.51
C ILE A 214 -6.49 -13.86 -9.07
N ASP A 215 -6.23 -14.72 -8.11
CA ASP A 215 -6.36 -14.36 -6.70
CA ASP A 215 -6.37 -14.35 -6.71
C ASP A 215 -5.18 -13.48 -6.28
N GLY A 216 -5.46 -12.37 -5.61
CA GLY A 216 -4.38 -11.54 -5.13
C GLY A 216 -4.87 -10.56 -4.09
N ILE A 217 -3.98 -9.70 -3.62
CA ILE A 217 -4.31 -8.77 -2.55
C ILE A 217 -4.20 -7.33 -3.04
N ALA A 218 -5.08 -6.48 -2.53
CA ALA A 218 -5.00 -5.04 -2.79
C ALA A 218 -4.07 -4.46 -1.71
N ASP A 219 -2.88 -4.03 -2.13
CA ASP A 219 -1.82 -3.66 -1.19
C ASP A 219 -1.21 -2.31 -1.53
N THR A 220 -1.68 -1.27 -0.85
CA THR A 220 -1.14 0.07 -1.08
C THR A 220 0.30 0.20 -0.62
N GLY A 221 0.77 -0.70 0.23
CA GLY A 221 2.13 -0.68 0.73
C GLY A 221 3.17 -1.37 -0.12
N THR A 222 2.79 -1.91 -1.26
CA THR A 222 3.70 -2.51 -2.22
C THR A 222 3.69 -1.66 -3.48
N THR A 223 4.88 -1.36 -4.01
CA THR A 223 4.98 -0.42 -5.13
C THR A 223 4.41 -1.01 -6.42
N LEU A 224 4.79 -2.24 -6.74
CA LEU A 224 4.60 -2.79 -8.08
C LEU A 224 3.42 -3.78 -8.12
N LEU A 225 3.15 -4.24 -9.33
CA LEU A 225 2.11 -5.24 -9.61
C LEU A 225 2.78 -6.59 -9.82
N TYR A 226 2.51 -7.55 -8.92
CA TYR A 226 3.13 -8.87 -8.96
C TYR A 226 2.06 -9.88 -9.34
N LEU A 227 2.27 -10.55 -10.47
CA LEU A 227 1.28 -11.45 -11.08
C LEU A 227 1.93 -12.75 -11.51
N PRO A 228 1.14 -13.77 -11.86
CA PRO A 228 1.74 -15.05 -12.23
C PRO A 228 2.69 -14.90 -13.41
N ALA A 229 3.69 -15.78 -13.45
CA ALA A 229 4.73 -15.71 -14.47
C ALA A 229 4.17 -15.77 -15.88
N THR A 230 3.10 -16.54 -16.09
CA THR A 230 2.49 -16.62 -17.42
C THR A 230 2.00 -15.26 -17.87
N VAL A 231 1.31 -14.55 -16.97
CA VAL A 231 0.73 -13.24 -17.28
C VAL A 231 1.85 -12.23 -17.54
N VAL A 232 2.86 -12.24 -16.68
CA VAL A 232 3.95 -11.27 -16.79
C VAL A 232 4.75 -11.51 -18.07
N SER A 233 4.98 -12.77 -18.43
CA SER A 233 5.68 -13.06 -19.67
C SER A 233 4.89 -12.56 -20.88
N ALA A 234 3.57 -12.76 -20.86
CA ALA A 234 2.74 -12.27 -21.96
C ALA A 234 2.81 -10.75 -22.09
N TYR A 235 2.89 -10.04 -20.98
CA TYR A 235 3.04 -8.58 -21.03
C TYR A 235 4.37 -8.18 -21.66
N TRP A 236 5.48 -8.65 -21.10
CA TRP A 236 6.81 -8.19 -21.52
C TRP A 236 7.17 -8.68 -22.91
N ALA A 237 6.54 -9.75 -23.40
CA ALA A 237 6.76 -10.18 -24.77
C ALA A 237 6.32 -9.12 -25.76
N GLN A 238 5.50 -8.16 -25.36
CA GLN A 238 5.07 -7.10 -26.26
C GLN A 238 6.01 -5.90 -26.26
N VAL A 239 7.14 -5.98 -25.55
CA VAL A 239 8.08 -4.87 -25.44
C VAL A 239 9.41 -5.35 -26.03
N SER A 240 9.81 -4.78 -27.16
CA SER A 240 11.05 -5.18 -27.80
CA SER A 240 11.05 -5.19 -27.80
C SER A 240 12.23 -4.99 -26.87
N GLY A 241 13.02 -6.03 -26.69
CA GLY A 241 14.20 -5.95 -25.87
C GLY A 241 13.98 -6.22 -24.39
N ALA A 242 12.73 -6.39 -23.94
CA ALA A 242 12.49 -6.68 -22.54
C ALA A 242 12.92 -8.11 -22.20
N LYS A 243 13.43 -8.28 -20.98
CA LYS A 243 13.90 -9.59 -20.57
C LYS A 243 13.86 -9.66 -19.04
N SER A 244 13.80 -10.87 -18.52
CA SER A 244 13.95 -11.07 -17.09
C SER A 244 15.43 -11.21 -16.76
N SER A 245 15.91 -10.37 -15.86
CA SER A 245 17.30 -10.33 -15.45
C SER A 245 17.43 -10.87 -14.03
N SER A 246 18.13 -12.01 -13.88
CA SER A 246 18.36 -12.52 -12.53
C SER A 246 19.27 -11.59 -11.73
N SER A 247 20.24 -10.96 -12.39
CA SER A 247 21.16 -10.09 -11.67
C SER A 247 20.46 -8.83 -11.18
N VAL A 248 19.52 -8.30 -11.95
CA VAL A 248 18.80 -7.10 -11.49
C VAL A 248 17.67 -7.47 -10.55
N GLY A 249 17.04 -8.62 -10.73
CA GLY A 249 15.97 -9.05 -9.88
C GLY A 249 14.57 -8.90 -10.47
N GLY A 250 14.44 -8.93 -11.78
CA GLY A 250 13.14 -8.86 -12.41
C GLY A 250 13.27 -8.47 -13.88
N TYR A 251 12.10 -8.21 -14.46
CA TYR A 251 12.04 -7.76 -15.83
C TYR A 251 12.55 -6.34 -15.96
N VAL A 252 13.40 -6.16 -16.95
CA VAL A 252 13.93 -4.87 -17.37
C VAL A 252 13.60 -4.68 -18.84
N PHE A 253 13.65 -3.45 -19.29
CA PHE A 253 13.28 -3.14 -20.67
C PHE A 253 14.06 -1.91 -21.11
N PRO A 254 14.22 -1.71 -22.43
CA PRO A 254 14.97 -0.53 -22.89
C PRO A 254 14.25 0.73 -22.49
N CYS A 255 15.00 1.69 -21.93
CA CYS A 255 14.36 2.93 -21.52
C CYS A 255 13.75 3.69 -22.70
N SER A 256 14.20 3.40 -23.92
CA SER A 256 13.66 4.03 -25.13
C SER A 256 12.29 3.48 -25.52
N ALA A 257 11.77 2.46 -24.85
CA ALA A 257 10.51 1.85 -25.24
C ALA A 257 9.31 2.71 -24.84
N THR A 258 8.23 2.56 -25.61
CA THR A 258 6.90 3.00 -25.22
C THR A 258 6.14 1.77 -24.74
N LEU A 259 5.72 1.76 -23.47
CA LEU A 259 5.14 0.54 -22.91
C LEU A 259 3.66 0.44 -23.25
N PRO A 260 3.16 -0.77 -23.50
CA PRO A 260 1.72 -0.97 -23.64
C PRO A 260 1.00 -0.89 -22.30
N SER A 261 -0.29 -0.59 -22.36
CA SER A 261 -1.13 -0.63 -21.18
C SER A 261 -1.33 -2.08 -20.72
N PHE A 262 -1.87 -2.21 -19.52
CA PHE A 262 -2.24 -3.51 -18.96
C PHE A 262 -3.63 -3.34 -18.33
N THR A 263 -4.56 -4.21 -18.70
CA THR A 263 -5.92 -4.15 -18.17
C THR A 263 -6.13 -5.33 -17.25
N PHE A 264 -6.77 -5.08 -16.10
CA PHE A 264 -7.21 -6.17 -15.24
C PHE A 264 -8.72 -6.12 -15.01
N GLY A 265 -9.30 -7.30 -14.84
CA GLY A 265 -10.75 -7.41 -14.67
C GLY A 265 -11.18 -7.35 -13.21
N VAL A 266 -12.29 -6.65 -12.99
CA VAL A 266 -12.98 -6.63 -11.70
C VAL A 266 -14.41 -7.00 -12.04
N GLY A 267 -14.79 -8.24 -11.78
CA GLY A 267 -16.07 -8.71 -12.31
C GLY A 267 -16.10 -8.48 -13.80
N SER A 268 -17.21 -7.93 -14.29
CA SER A 268 -17.33 -7.62 -15.71
CA SER A 268 -17.34 -7.61 -15.71
C SER A 268 -16.69 -6.30 -16.09
N ALA A 269 -16.19 -5.55 -15.12
CA ALA A 269 -15.55 -4.26 -15.36
C ALA A 269 -14.06 -4.44 -15.65
N ARG A 270 -13.45 -3.36 -16.12
CA ARG A 270 -12.06 -3.40 -16.56
C ARG A 270 -11.36 -2.13 -16.05
N ILE A 271 -10.18 -2.29 -15.46
CA ILE A 271 -9.33 -1.18 -15.06
C ILE A 271 -8.10 -1.19 -15.97
N VAL A 272 -7.82 -0.06 -16.60
CA VAL A 272 -6.71 0.07 -17.53
C VAL A 272 -5.55 0.82 -16.87
N ILE A 273 -4.40 0.16 -16.79
CA ILE A 273 -3.16 0.76 -16.29
C ILE A 273 -2.42 1.30 -17.52
N PRO A 274 -2.27 2.61 -17.67
CA PRO A 274 -1.52 3.12 -18.82
C PRO A 274 -0.07 2.65 -18.78
N GLY A 275 0.50 2.50 -19.98
CA GLY A 275 1.87 2.01 -20.09
C GLY A 275 2.86 2.82 -19.28
N ASP A 276 2.69 4.14 -19.22
CA ASP A 276 3.67 4.95 -18.50
C ASP A 276 3.71 4.60 -17.02
N TYR A 277 2.60 4.07 -16.46
CA TYR A 277 2.59 3.72 -15.04
C TYR A 277 3.52 2.55 -14.73
N ILE A 278 3.92 1.80 -15.77
CA ILE A 278 4.71 0.58 -15.62
C ILE A 278 6.21 0.85 -15.76
N ASP A 279 6.59 2.10 -15.99
CA ASP A 279 8.00 2.48 -16.12
C ASP A 279 8.55 2.93 -14.77
N PHE A 280 9.50 2.18 -14.22
CA PHE A 280 10.15 2.56 -12.97
C PHE A 280 11.58 3.03 -13.16
N GLY A 281 11.93 3.42 -14.37
CA GLY A 281 13.12 4.19 -14.61
C GLY A 281 14.38 3.37 -14.61
N PRO A 282 15.51 4.05 -14.83
CA PRO A 282 16.78 3.33 -14.96
C PRO A 282 17.09 2.46 -13.75
N ILE A 283 17.66 1.28 -14.03
CA ILE A 283 17.97 0.34 -12.96
C ILE A 283 19.01 0.91 -12.01
N SER A 284 19.91 1.72 -12.54
CA SER A 284 20.92 2.44 -11.79
C SER A 284 21.09 3.77 -12.49
N THR A 285 21.59 4.76 -11.78
CA THR A 285 21.64 6.10 -12.34
C THR A 285 22.39 6.11 -13.67
N GLY A 286 21.73 6.68 -14.69
CA GLY A 286 22.31 6.81 -16.00
C GLY A 286 22.21 5.60 -16.90
N SER A 287 21.67 4.50 -16.41
CA SER A 287 21.52 3.32 -17.26
C SER A 287 20.41 3.52 -18.29
N SER A 288 20.55 2.87 -19.44
CA SER A 288 19.48 2.81 -20.44
C SER A 288 18.62 1.56 -20.29
N SER A 289 18.84 0.77 -19.25
CA SER A 289 17.94 -0.33 -18.91
CA SER A 289 17.96 -0.33 -18.89
C SER A 289 17.02 0.16 -17.79
N CYS A 290 15.72 -0.02 -18.00
CA CYS A 290 14.71 0.48 -17.09
C CYS A 290 14.00 -0.68 -16.40
N PHE A 291 13.54 -0.45 -15.17
CA PHE A 291 12.93 -1.50 -14.37
C PHE A 291 11.42 -1.54 -14.59
N GLY A 292 10.89 -2.75 -14.79
CA GLY A 292 9.47 -2.88 -15.07
C GLY A 292 8.59 -2.80 -13.83
N GLY A 293 7.38 -2.27 -14.03
CA GLY A 293 6.42 -2.16 -12.95
C GLY A 293 5.48 -3.32 -12.79
N ILE A 294 5.55 -4.29 -13.70
CA ILE A 294 4.84 -5.56 -13.61
C ILE A 294 5.92 -6.64 -13.48
N GLN A 295 5.85 -7.43 -12.42
CA GLN A 295 6.86 -8.41 -12.10
C GLN A 295 6.19 -9.72 -11.70
N SER A 296 6.94 -10.81 -11.77
CA SER A 296 6.40 -12.11 -11.41
C SER A 296 6.24 -12.24 -9.90
N SER A 297 5.13 -12.85 -9.50
CA SER A 297 4.90 -13.23 -8.11
C SER A 297 5.44 -14.61 -7.78
N ALA A 298 6.05 -15.30 -8.73
N ALA A 298 6.12 -15.28 -8.71
CA ALA A 298 6.58 -16.62 -8.46
CA ALA A 298 6.40 -16.69 -8.54
C ALA A 298 7.67 -16.51 -7.40
C ALA A 298 7.14 -16.99 -7.23
N GLY A 299 7.52 -17.28 -6.33
N GLY A 299 8.06 -16.12 -6.83
CA GLY A 299 8.41 -17.18 -5.20
CA GLY A 299 8.83 -16.36 -5.62
C GLY A 299 7.94 -16.23 -4.11
C GLY A 299 8.19 -15.84 -4.34
N ILE A 300 6.94 -15.40 -4.39
CA ILE A 300 6.32 -14.65 -3.30
C ILE A 300 5.24 -15.46 -2.59
N GLY A 301 4.53 -16.32 -3.32
CA GLY A 301 3.45 -17.08 -2.73
C GLY A 301 2.09 -16.42 -2.82
N ILE A 302 2.00 -15.20 -3.35
CA ILE A 302 0.72 -14.51 -3.48
C ILE A 302 0.88 -13.46 -4.56
N ASN A 303 -0.20 -13.20 -5.29
CA ASN A 303 -0.22 -12.11 -6.25
C ASN A 303 -0.56 -10.81 -5.53
N ILE A 304 0.06 -9.73 -5.95
CA ILE A 304 -0.05 -8.45 -5.24
C ILE A 304 -0.45 -7.36 -6.22
N PHE A 305 -1.67 -6.82 -6.05
CA PHE A 305 -2.11 -5.63 -6.75
C PHE A 305 -1.62 -4.43 -5.93
N GLY A 306 -0.37 -4.04 -6.19
CA GLY A 306 0.27 -2.92 -5.53
C GLY A 306 -0.07 -1.60 -6.20
N ASP A 307 0.73 -0.58 -5.89
CA ASP A 307 0.40 0.79 -6.29
C ASP A 307 0.23 0.92 -7.80
N VAL A 308 1.07 0.23 -8.59
CA VAL A 308 0.96 0.30 -10.05
C VAL A 308 -0.47 0.04 -10.51
N ALA A 309 -1.12 -0.97 -9.92
CA ALA A 309 -2.50 -1.28 -10.26
C ALA A 309 -3.48 -0.34 -9.57
N LEU A 310 -3.32 -0.14 -8.26
CA LEU A 310 -4.32 0.61 -7.51
C LEU A 310 -4.40 2.07 -7.95
N LYS A 311 -3.28 2.67 -8.36
CA LYS A 311 -3.29 4.08 -8.74
CA LYS A 311 -3.34 4.09 -8.71
C LYS A 311 -4.08 4.33 -10.02
N ALA A 312 -4.37 3.29 -10.79
CA ALA A 312 -5.23 3.42 -11.97
C ALA A 312 -6.71 3.43 -11.62
N ALA A 313 -7.07 3.31 -10.34
CA ALA A 313 -8.44 3.16 -9.93
C ALA A 313 -8.73 3.99 -8.69
N PHE A 314 -10.02 4.20 -8.47
CA PHE A 314 -10.56 4.64 -7.19
C PHE A 314 -10.99 3.37 -6.47
N VAL A 315 -10.41 3.10 -5.30
CA VAL A 315 -10.55 1.80 -4.66
C VAL A 315 -11.25 1.97 -3.32
N VAL A 316 -12.34 1.23 -3.13
CA VAL A 316 -13.13 1.21 -1.91
C VAL A 316 -12.78 -0.04 -1.10
N PHE A 317 -12.31 0.19 0.12
CA PHE A 317 -12.08 -0.87 1.10
C PHE A 317 -13.30 -0.85 2.03
N ASN A 318 -14.23 -1.76 1.76
CA ASN A 318 -15.51 -1.80 2.46
C ASN A 318 -15.39 -2.76 3.64
N GLY A 319 -15.37 -2.18 4.84
CA GLY A 319 -15.24 -2.93 6.08
C GLY A 319 -16.54 -3.27 6.79
N ALA A 320 -17.61 -3.39 6.02
CA ALA A 320 -18.85 -3.94 6.55
C ALA A 320 -18.63 -5.34 7.10
N THR A 321 -19.68 -5.86 7.77
CA THR A 321 -19.59 -7.16 8.43
C THR A 321 -19.02 -8.22 7.49
N THR A 322 -19.47 -8.24 6.24
CA THR A 322 -18.82 -9.00 5.18
C THR A 322 -18.04 -8.02 4.32
N PRO A 323 -16.72 -7.96 4.44
CA PRO A 323 -15.97 -6.97 3.68
C PRO A 323 -16.00 -7.25 2.18
N THR A 324 -15.90 -6.18 1.39
CA THR A 324 -15.76 -6.29 -0.06
C THR A 324 -14.80 -5.19 -0.51
N LEU A 325 -14.39 -5.27 -1.78
CA LEU A 325 -13.55 -4.27 -2.41
C LEU A 325 -14.31 -3.71 -3.60
N GLY A 326 -14.23 -2.40 -3.80
CA GLY A 326 -14.80 -1.76 -4.98
C GLY A 326 -13.72 -1.07 -5.81
N PHE A 327 -13.87 -1.15 -7.13
CA PHE A 327 -12.97 -0.47 -8.05
C PHE A 327 -13.77 0.34 -9.05
N ALA A 328 -13.35 1.58 -9.29
CA ALA A 328 -13.88 2.41 -10.35
C ALA A 328 -12.72 3.01 -11.14
N SER A 329 -12.97 3.27 -12.41
CA SER A 329 -12.05 4.07 -13.19
C SER A 329 -12.14 5.53 -12.73
N LYS A 330 -11.14 6.33 -13.11
CA LYS A 330 -11.12 7.72 -12.66
C LYS A 330 -10.40 8.62 -13.65
C10 A1CFC B . 7.94 -2.28 3.24
C10 A1CFC B . 7.85 -2.68 3.14
C01 A1CFC B . 10.93 2.14 3.53
C01 A1CFC B . 10.54 2.07 2.03
C04 A1CFC B . 8.64 0.04 2.80
C04 A1CFC B . 8.89 -0.46 2.92
C05 A1CFC B . 7.32 0.43 2.89
C05 A1CFC B . 7.63 0.11 3.00
C06 A1CFC B . 6.30 -0.50 3.17
C06 A1CFC B . 6.49 -0.69 3.14
C07 A1CFC B . 6.60 -1.86 3.36
C07 A1CFC B . 6.57 -2.08 3.22
C08 A1CFC B . 5.45 -2.86 3.64
C08 A1CFC B . 5.31 -2.93 3.35
C11 A1CFC B . 8.97 -1.33 2.96
C11 A1CFC B . 9.01 -1.87 2.99
N09 A1CFC B . 4.90 -3.44 2.40
N09 A1CFC B . 4.93 -3.49 2.04
O03 A1CFC B . 10.47 1.07 1.02
O03 A1CFC B . 11.60 -0.14 3.29
S02 A1CFC B . 10.00 1.09 2.43
S02 A1CFC B . 10.37 0.43 2.75
C1 GOL C . -6.05 6.10 -16.10
O1 GOL C . -6.23 7.01 -17.14
C2 GOL C . -7.39 5.43 -16.07
O2 GOL C . -7.28 4.16 -16.68
C3 GOL C . -7.98 5.54 -14.69
O3 GOL C . -8.99 4.59 -14.53
H11 GOL C . -5.34 5.45 -16.27
H12 GOL C . -5.85 6.52 -15.25
HO1 GOL C . -6.37 6.56 -17.85
H2 GOL C . -8.04 5.92 -16.62
HO2 GOL C . -6.75 3.70 -16.20
H31 GOL C . -7.26 5.40 -14.04
H32 GOL C . -8.31 6.44 -14.55
HO3 GOL C . -9.67 4.85 -14.97
C1 GOL D . 1.46 -17.70 -7.27
C1 GOL D . 1.86 -16.75 -6.63
O1 GOL D . 1.73 -16.58 -6.47
O1 GOL D . 2.97 -16.48 -5.82
C2 GOL D . 1.88 -17.41 -8.69
C2 GOL D . 2.32 -17.67 -7.74
O2 GOL D . 3.19 -16.88 -8.70
O2 GOL D . 2.20 -19.01 -7.31
C3 GOL D . 1.82 -18.69 -9.50
C3 GOL D . 1.51 -17.40 -9.00
O3 GOL D . 1.45 -18.36 -10.82
O3 GOL D . 1.72 -18.50 -9.87
H11 GOL D . 1.94 -18.49 -6.96
H11 GOL D . 1.15 -17.19 -6.14
H12 GOL D . 0.52 -17.93 -7.26
H12 GOL D . 1.49 -15.95 -7.02
HO1 GOL D . 2.57 -16.41 -6.54
HO1 GOL D . 2.88 -15.70 -5.51
H2 GOL D . 1.26 -16.76 -9.06
H2 GOL D . 3.25 -17.46 -7.95
HO2 GOL D . 3.32 -16.53 -9.46
HO2 GOL D . 2.18 -18.99 -6.45
H31 GOL D . 2.68 -19.13 -9.46
H31 GOL D . 0.57 -17.31 -8.77
H32 GOL D . 1.17 -19.29 -9.09
H32 GOL D . 1.78 -16.56 -9.39
HO3 GOL D . 0.61 -18.26 -10.84
HO3 GOL D . 2.23 -18.24 -10.51
S DMS E . 2.68 -8.24 7.36
O DMS E . 4.11 -8.71 7.25
C1 DMS E . 1.67 -9.49 6.53
C2 DMS E . 2.17 -8.64 9.05
H11 DMS E . 2.03 -9.66 5.64
H12 DMS E . 0.76 -9.17 6.45
H13 DMS E . 1.68 -10.31 7.04
H21 DMS E . 2.54 -8.00 9.66
H22 DMS E . 2.49 -9.53 9.28
H23 DMS E . 1.20 -8.63 9.11
S DMS F . 9.93 -0.62 -6.63
O DMS F . 9.97 -2.04 -6.13
C1 DMS F . 10.44 0.42 -5.24
C2 DMS F . 11.39 -0.30 -7.64
H11 DMS F . 9.67 0.64 -4.70
H12 DMS F . 10.85 1.23 -5.58
H13 DMS F . 11.10 -0.06 -4.70
H21 DMS F . 11.17 0.33 -8.34
H22 DMS F . 11.69 -1.13 -8.05
H23 DMS F . 12.10 0.06 -7.09
S DMS G . 10.43 -19.00 -8.78
O DMS G . 10.80 -19.52 -7.40
C1 DMS G . 11.83 -18.02 -9.37
C2 DMS G . 10.62 -20.38 -9.92
H11 DMS G . 12.11 -17.40 -8.67
H12 DMS G . 11.56 -17.52 -10.15
H13 DMS G . 12.57 -18.61 -9.60
H21 DMS G . 10.05 -20.24 -10.69
H22 DMS G . 10.36 -21.20 -9.49
H23 DMS G . 11.54 -20.44 -10.21
#